data_5KWZ
#
_entry.id   5KWZ
#
_entity_poly.entity_id   1
_entity_poly.type   'polypeptide(L)'
_entity_poly.pdbx_seq_one_letter_code
;HDPEKRKECEKKYTDPKKREECKRKA
;
_entity_poly.pdbx_strand_id   A
#
# COMPACT_ATOMS: atom_id res chain seq x y z
N HIS A 1 -2.58 7.57 1.23
CA HIS A 1 -2.42 8.22 2.50
C HIS A 1 -3.62 7.93 3.39
N ASP A 2 -4.73 7.57 2.76
CA ASP A 2 -5.92 7.21 3.50
C ASP A 2 -5.73 5.80 3.99
N PRO A 3 -6.04 5.54 5.28
CA PRO A 3 -5.87 4.23 5.93
C PRO A 3 -6.48 3.09 5.14
N GLU A 4 -7.68 3.32 4.61
CA GLU A 4 -8.42 2.34 3.81
C GLU A 4 -7.57 1.84 2.65
N LYS A 5 -7.12 2.79 1.83
CA LYS A 5 -6.35 2.45 0.65
C LYS A 5 -4.98 1.90 0.98
N ARG A 6 -4.32 2.43 2.00
CA ARG A 6 -2.99 1.94 2.31
C ARG A 6 -3.03 0.58 2.98
N LYS A 7 -4.11 0.32 3.72
CA LYS A 7 -4.33 -0.99 4.31
C LYS A 7 -4.45 -1.97 3.17
N GLU A 8 -5.31 -1.63 2.22
CA GLU A 8 -5.48 -2.46 1.04
C GLU A 8 -4.17 -2.63 0.27
N CYS A 9 -3.33 -1.59 0.23
CA CYS A 9 -2.02 -1.68 -0.42
C CYS A 9 -1.15 -2.74 0.23
N GLU A 10 -1.02 -2.66 1.55
CA GLU A 10 -0.14 -3.59 2.27
C GLU A 10 -0.73 -5.00 2.29
N LYS A 11 -2.03 -5.04 2.16
CA LYS A 11 -2.79 -6.27 2.13
C LYS A 11 -2.61 -6.98 0.77
N LYS A 12 -2.82 -6.23 -0.30
CA LYS A 12 -2.73 -6.76 -1.65
C LYS A 12 -1.29 -6.94 -2.10
N TYR A 13 -0.46 -5.98 -1.79
CA TYR A 13 0.92 -6.04 -2.16
C TYR A 13 1.75 -6.35 -0.93
N THR A 14 2.15 -7.59 -0.80
CA THR A 14 3.02 -7.95 0.28
C THR A 14 4.47 -7.67 -0.10
N ASP A 15 4.68 -7.53 -1.41
CA ASP A 15 5.98 -7.17 -1.97
C ASP A 15 6.37 -5.82 -1.44
N PRO A 16 7.51 -5.73 -0.74
CA PRO A 16 8.00 -4.48 -0.13
C PRO A 16 7.96 -3.28 -1.08
N LYS A 17 8.44 -3.46 -2.29
CA LYS A 17 8.53 -2.35 -3.22
C LYS A 17 7.16 -1.96 -3.77
N LYS A 18 6.37 -2.94 -4.17
CA LYS A 18 4.99 -2.70 -4.66
C LYS A 18 4.18 -2.00 -3.56
N ARG A 19 4.36 -2.49 -2.35
CA ARG A 19 3.73 -1.93 -1.18
C ARG A 19 4.17 -0.49 -0.96
N GLU A 20 5.49 -0.23 -1.06
CA GLU A 20 6.02 1.13 -0.92
C GLU A 20 5.38 2.06 -1.93
N GLU A 21 5.28 1.62 -3.16
CA GLU A 21 4.73 2.45 -4.22
C GLU A 21 3.25 2.68 -4.11
N CYS A 22 2.53 1.72 -3.64
CA CYS A 22 1.11 1.88 -3.48
C CYS A 22 0.84 2.80 -2.28
N LYS A 23 1.53 2.52 -1.17
CA LYS A 23 1.40 3.25 0.09
C LYS A 23 1.92 4.69 -0.10
N ARG A 24 2.79 4.86 -1.07
CA ARG A 24 3.33 6.15 -1.50
C ARG A 24 2.20 7.09 -1.90
N LYS A 25 1.18 6.52 -2.49
CA LYS A 25 0.06 7.29 -2.97
C LYS A 25 -1.06 7.25 -1.93
N ALA A 26 -1.27 6.09 -1.36
CA ALA A 26 -2.33 5.86 -0.42
C ALA A 26 -2.03 6.43 0.96
N HIS A 1 -2.89 7.97 0.56
CA HIS A 1 -2.80 8.56 1.87
C HIS A 1 -3.92 8.05 2.74
N ASP A 2 -4.91 7.43 2.12
CA ASP A 2 -6.03 6.90 2.88
C ASP A 2 -5.59 5.66 3.60
N PRO A 3 -5.87 5.58 4.91
CA PRO A 3 -5.48 4.45 5.74
C PRO A 3 -6.04 3.12 5.20
N GLU A 4 -7.27 3.18 4.67
CA GLU A 4 -7.94 2.03 4.05
C GLU A 4 -7.17 1.57 2.82
N LYS A 5 -6.92 2.50 1.91
CA LYS A 5 -6.26 2.21 0.64
C LYS A 5 -4.88 1.64 0.85
N ARG A 6 -4.17 2.20 1.79
CA ARG A 6 -2.84 1.77 2.12
C ARG A 6 -2.85 0.38 2.76
N LYS A 7 -3.84 0.13 3.60
CA LYS A 7 -3.97 -1.15 4.28
C LYS A 7 -4.32 -2.23 3.27
N GLU A 8 -5.21 -1.87 2.35
CA GLU A 8 -5.63 -2.77 1.31
C GLU A 8 -4.42 -3.14 0.45
N CYS A 9 -3.60 -2.14 0.13
CA CYS A 9 -2.35 -2.38 -0.60
C CYS A 9 -1.42 -3.26 0.17
N GLU A 10 -1.37 -3.10 1.48
CA GLU A 10 -0.52 -3.91 2.35
C GLU A 10 -0.95 -5.39 2.30
N LYS A 11 -2.25 -5.59 2.28
CA LYS A 11 -2.83 -6.92 2.23
C LYS A 11 -2.70 -7.55 0.83
N LYS A 12 -2.97 -6.75 -0.18
CA LYS A 12 -2.93 -7.22 -1.56
C LYS A 12 -1.49 -7.36 -2.05
N TYR A 13 -0.66 -6.44 -1.65
CA TYR A 13 0.72 -6.43 -2.06
C TYR A 13 1.59 -6.34 -0.83
N THR A 14 2.11 -7.44 -0.42
CA THR A 14 3.03 -7.47 0.67
C THR A 14 4.46 -7.38 0.09
N ASP A 15 4.49 -7.26 -1.23
CA ASP A 15 5.69 -7.06 -2.01
C ASP A 15 6.23 -5.69 -1.68
N PRO A 16 7.49 -5.63 -1.19
CA PRO A 16 8.12 -4.38 -0.74
C PRO A 16 7.93 -3.20 -1.69
N LYS A 17 8.24 -3.39 -2.97
CA LYS A 17 8.15 -2.29 -3.90
C LYS A 17 6.72 -1.85 -4.15
N LYS A 18 5.81 -2.81 -4.29
CA LYS A 18 4.40 -2.51 -4.56
C LYS A 18 3.78 -1.80 -3.37
N ARG A 19 4.06 -2.35 -2.20
CA ARG A 19 3.53 -1.84 -0.95
C ARG A 19 3.98 -0.42 -0.72
N GLU A 20 5.29 -0.20 -0.80
CA GLU A 20 5.84 1.12 -0.55
C GLU A 20 5.36 2.13 -1.58
N GLU A 21 5.24 1.70 -2.84
CA GLU A 21 4.76 2.55 -3.89
C GLU A 21 3.36 3.05 -3.55
N CYS A 22 2.49 2.12 -3.19
CA CYS A 22 1.13 2.47 -2.83
C CYS A 22 1.11 3.32 -1.57
N LYS A 23 1.91 2.93 -0.59
CA LYS A 23 2.02 3.64 0.70
C LYS A 23 2.37 5.11 0.49
N ARG A 24 3.20 5.39 -0.47
CA ARG A 24 3.64 6.72 -0.75
C ARG A 24 2.64 7.51 -1.60
N LYS A 25 1.74 6.80 -2.28
CA LYS A 25 0.80 7.49 -3.15
C LYS A 25 -0.58 7.60 -2.50
N ALA A 26 -0.99 6.55 -1.84
CA ALA A 26 -2.26 6.49 -1.18
C ALA A 26 -2.10 7.01 0.22
N HIS A 1 -3.02 7.86 0.74
CA HIS A 1 -3.04 8.79 1.84
C HIS A 1 -4.08 8.35 2.86
N ASP A 2 -4.89 7.41 2.47
CA ASP A 2 -5.90 6.91 3.36
C ASP A 2 -5.39 5.66 3.98
N PRO A 3 -5.60 5.49 5.30
CA PRO A 3 -5.23 4.26 6.02
C PRO A 3 -5.91 3.05 5.38
N GLU A 4 -7.08 3.30 4.80
CA GLU A 4 -7.87 2.31 4.08
C GLU A 4 -7.03 1.72 2.96
N LYS A 5 -6.51 2.60 2.12
CA LYS A 5 -5.75 2.21 0.96
C LYS A 5 -4.39 1.69 1.34
N ARG A 6 -3.86 2.21 2.43
CA ARG A 6 -2.60 1.73 2.97
C ARG A 6 -2.77 0.26 3.33
N LYS A 7 -3.88 -0.05 3.99
CA LYS A 7 -4.25 -1.40 4.41
C LYS A 7 -4.49 -2.28 3.20
N GLU A 8 -5.30 -1.76 2.28
CA GLU A 8 -5.64 -2.47 1.07
C GLU A 8 -4.39 -2.82 0.28
N CYS A 9 -3.48 -1.89 0.17
CA CYS A 9 -2.25 -2.10 -0.57
C CYS A 9 -1.24 -2.88 0.21
N GLU A 10 -1.37 -2.86 1.52
CA GLU A 10 -0.53 -3.67 2.39
C GLU A 10 -0.86 -5.13 2.17
N LYS A 11 -2.12 -5.40 2.00
CA LYS A 11 -2.57 -6.74 1.78
C LYS A 11 -2.31 -7.16 0.33
N LYS A 12 -2.89 -6.41 -0.62
CA LYS A 12 -2.77 -6.70 -2.06
C LYS A 12 -1.32 -6.75 -2.51
N TYR A 13 -0.53 -5.80 -2.08
CA TYR A 13 0.86 -5.81 -2.40
C TYR A 13 1.61 -6.30 -1.19
N THR A 14 1.95 -7.54 -1.23
CA THR A 14 2.65 -8.18 -0.16
C THR A 14 4.14 -7.89 -0.28
N ASP A 15 4.55 -7.61 -1.50
CA ASP A 15 5.92 -7.22 -1.80
C ASP A 15 6.21 -5.86 -1.18
N PRO A 16 7.25 -5.75 -0.34
CA PRO A 16 7.62 -4.50 0.34
C PRO A 16 7.69 -3.27 -0.58
N LYS A 17 8.34 -3.41 -1.74
CA LYS A 17 8.51 -2.30 -2.66
C LYS A 17 7.17 -1.91 -3.26
N LYS A 18 6.42 -2.90 -3.74
CA LYS A 18 5.11 -2.65 -4.34
C LYS A 18 4.15 -2.02 -3.34
N ARG A 19 4.28 -2.45 -2.11
CA ARG A 19 3.51 -1.90 -1.03
C ARG A 19 3.87 -0.43 -0.86
N GLU A 20 5.16 -0.11 -0.85
CA GLU A 20 5.63 1.27 -0.73
C GLU A 20 5.19 2.09 -1.95
N GLU A 21 5.20 1.46 -3.13
CA GLU A 21 4.73 2.09 -4.35
C GLU A 21 3.31 2.58 -4.20
N CYS A 22 2.45 1.73 -3.69
CA CYS A 22 1.07 2.14 -3.50
C CYS A 22 0.95 3.12 -2.32
N LYS A 23 1.68 2.86 -1.23
CA LYS A 23 1.65 3.71 -0.02
C LYS A 23 2.04 5.16 -0.29
N ARG A 24 2.86 5.36 -1.30
CA ARG A 24 3.29 6.69 -1.69
C ARG A 24 2.10 7.51 -2.23
N LYS A 25 1.13 6.83 -2.76
CA LYS A 25 -0.06 7.46 -3.30
C LYS A 25 -1.21 7.36 -2.28
N ALA A 26 -1.22 6.27 -1.55
CA ALA A 26 -2.25 6.01 -0.56
C ALA A 26 -2.11 6.93 0.64
N HIS A 1 -4.07 8.38 -0.57
CA HIS A 1 -4.19 9.29 0.57
C HIS A 1 -5.05 8.69 1.66
N ASP A 2 -5.81 7.68 1.27
CA ASP A 2 -6.71 6.97 2.20
C ASP A 2 -5.87 6.29 3.27
N PRO A 3 -6.28 6.36 4.55
CA PRO A 3 -5.52 5.74 5.67
C PRO A 3 -5.37 4.23 5.51
N GLU A 4 -6.26 3.66 4.72
CA GLU A 4 -6.27 2.24 4.45
C GLU A 4 -5.25 1.83 3.42
N LYS A 5 -4.61 2.80 2.75
CA LYS A 5 -3.64 2.54 1.66
C LYS A 5 -2.62 1.46 2.04
N ARG A 6 -2.11 1.57 3.25
CA ARG A 6 -1.15 0.62 3.77
C ARG A 6 -1.76 -0.77 3.87
N LYS A 7 -2.89 -0.88 4.56
CA LYS A 7 -3.54 -2.15 4.82
C LYS A 7 -4.05 -2.76 3.52
N GLU A 8 -4.64 -1.91 2.70
CA GLU A 8 -5.20 -2.30 1.44
C GLU A 8 -4.12 -2.91 0.58
N CYS A 9 -3.01 -2.23 0.50
CA CYS A 9 -1.96 -2.68 -0.34
C CYS A 9 -1.16 -3.82 0.24
N GLU A 10 -1.23 -4.00 1.56
CA GLU A 10 -0.62 -5.16 2.17
C GLU A 10 -1.46 -6.40 1.89
N LYS A 11 -2.78 -6.21 1.77
CA LYS A 11 -3.63 -7.33 1.41
C LYS A 11 -3.74 -7.51 -0.10
N LYS A 12 -3.32 -6.52 -0.85
CA LYS A 12 -3.27 -6.64 -2.31
C LYS A 12 -1.94 -7.18 -2.81
N TYR A 13 -0.85 -6.74 -2.23
CA TYR A 13 0.46 -7.10 -2.73
C TYR A 13 1.25 -7.84 -1.65
N THR A 14 2.25 -8.55 -2.07
CA THR A 14 3.14 -9.22 -1.16
C THR A 14 4.47 -8.48 -1.12
N ASP A 15 4.82 -7.89 -2.25
CA ASP A 15 6.06 -7.15 -2.42
C ASP A 15 6.01 -5.86 -1.62
N PRO A 16 7.00 -5.65 -0.73
CA PRO A 16 7.04 -4.48 0.14
C PRO A 16 7.18 -3.17 -0.62
N LYS A 17 7.76 -3.20 -1.82
CA LYS A 17 7.94 -1.98 -2.58
C LYS A 17 6.60 -1.47 -3.05
N LYS A 18 5.73 -2.40 -3.42
CA LYS A 18 4.37 -2.07 -3.85
C LYS A 18 3.60 -1.47 -2.70
N ARG A 19 3.86 -1.99 -1.51
CA ARG A 19 3.29 -1.49 -0.27
C ARG A 19 3.72 -0.03 -0.08
N GLU A 20 5.03 0.19 -0.15
CA GLU A 20 5.62 1.50 0.05
C GLU A 20 5.15 2.49 -1.00
N GLU A 21 5.17 2.10 -2.26
CA GLU A 21 4.70 2.96 -3.34
C GLU A 21 3.20 3.23 -3.24
N CYS A 22 2.45 2.28 -2.74
CA CYS A 22 1.02 2.48 -2.54
C CYS A 22 0.79 3.54 -1.46
N LYS A 23 1.59 3.43 -0.39
CA LYS A 23 1.57 4.36 0.72
C LYS A 23 2.00 5.77 0.23
N ARG A 24 2.74 5.78 -0.84
CA ARG A 24 3.28 6.98 -1.48
C ARG A 24 2.29 7.53 -2.54
N LYS A 25 1.29 6.74 -2.87
CA LYS A 25 0.36 7.09 -3.93
C LYS A 25 -1.01 7.51 -3.40
N ALA A 26 -1.61 6.65 -2.60
CA ALA A 26 -2.95 6.90 -2.11
C ALA A 26 -2.93 7.81 -0.89
N HIS A 1 -2.76 7.94 0.68
CA HIS A 1 -2.57 8.42 2.03
C HIS A 1 -3.68 7.93 2.93
N ASP A 2 -4.76 7.52 2.30
CA ASP A 2 -5.91 7.01 3.04
C ASP A 2 -5.57 5.68 3.65
N PRO A 3 -5.90 5.49 4.94
CA PRO A 3 -5.57 4.26 5.66
C PRO A 3 -6.27 3.05 5.08
N GLU A 4 -7.40 3.31 4.42
CA GLU A 4 -8.17 2.27 3.76
C GLU A 4 -7.36 1.72 2.60
N LYS A 5 -6.91 2.61 1.74
CA LYS A 5 -6.19 2.22 0.55
C LYS A 5 -4.84 1.63 0.94
N ARG A 6 -4.20 2.24 1.93
CA ARG A 6 -2.91 1.76 2.42
C ARG A 6 -3.04 0.32 2.92
N LYS A 7 -4.12 0.08 3.67
CA LYS A 7 -4.40 -1.23 4.26
C LYS A 7 -4.58 -2.26 3.16
N GLU A 8 -5.36 -1.87 2.15
CA GLU A 8 -5.62 -2.73 1.01
C GLU A 8 -4.29 -3.14 0.37
N CYS A 9 -3.43 -2.17 0.19
CA CYS A 9 -2.15 -2.42 -0.43
C CYS A 9 -1.26 -3.31 0.44
N GLU A 10 -1.30 -3.11 1.75
CA GLU A 10 -0.49 -3.92 2.66
C GLU A 10 -0.95 -5.37 2.65
N LYS A 11 -2.24 -5.56 2.56
CA LYS A 11 -2.83 -6.87 2.61
C LYS A 11 -2.62 -7.60 1.28
N LYS A 12 -3.01 -6.94 0.22
CA LYS A 12 -3.02 -7.55 -1.10
C LYS A 12 -1.64 -7.67 -1.72
N TYR A 13 -0.75 -6.76 -1.43
CA TYR A 13 0.57 -6.81 -2.01
C TYR A 13 1.55 -7.27 -0.97
N THR A 14 2.28 -8.30 -1.28
CA THR A 14 3.27 -8.79 -0.39
C THR A 14 4.62 -8.16 -0.76
N ASP A 15 4.77 -7.79 -2.03
CA ASP A 15 5.98 -7.18 -2.55
C ASP A 15 6.22 -5.81 -1.89
N PRO A 16 7.41 -5.62 -1.30
CA PRO A 16 7.77 -4.38 -0.59
C PRO A 16 7.65 -3.14 -1.45
N LYS A 17 8.05 -3.24 -2.71
CA LYS A 17 8.03 -2.09 -3.59
C LYS A 17 6.60 -1.66 -3.88
N LYS A 18 5.70 -2.62 -4.03
CA LYS A 18 4.27 -2.32 -4.27
C LYS A 18 3.69 -1.60 -3.06
N ARG A 19 4.03 -2.11 -1.90
CA ARG A 19 3.55 -1.57 -0.63
C ARG A 19 4.11 -0.15 -0.42
N GLU A 20 5.39 0.00 -0.72
CA GLU A 20 6.09 1.28 -0.65
C GLU A 20 5.48 2.28 -1.62
N GLU A 21 5.31 1.85 -2.85
CA GLU A 21 4.72 2.64 -3.89
C GLU A 21 3.35 3.12 -3.48
N CYS A 22 2.57 2.22 -2.92
CA CYS A 22 1.23 2.54 -2.52
C CYS A 22 1.22 3.56 -1.40
N LYS A 23 2.08 3.42 -0.39
CA LYS A 23 2.06 4.38 0.73
C LYS A 23 2.58 5.76 0.28
N ARG A 24 3.28 5.81 -0.84
CA ARG A 24 3.78 7.06 -1.39
C ARG A 24 2.75 7.66 -2.34
N LYS A 25 1.68 6.96 -2.54
CA LYS A 25 0.65 7.35 -3.47
C LYS A 25 -0.67 7.57 -2.75
N ALA A 26 -1.06 6.60 -2.00
CA ALA A 26 -2.27 6.63 -1.26
C ALA A 26 -1.97 7.05 0.15
N HIS A 1 -3.72 8.32 0.16
CA HIS A 1 -3.99 9.40 1.08
C HIS A 1 -4.55 8.78 2.35
N ASP A 2 -5.41 7.80 2.17
CA ASP A 2 -6.01 7.08 3.27
C ASP A 2 -5.10 5.95 3.71
N PRO A 3 -4.89 5.80 5.02
CA PRO A 3 -4.07 4.71 5.59
C PRO A 3 -4.69 3.35 5.30
N GLU A 4 -5.96 3.36 5.00
CA GLU A 4 -6.70 2.16 4.68
C GLU A 4 -6.27 1.62 3.31
N LYS A 5 -5.93 2.51 2.40
CA LYS A 5 -5.58 2.10 1.04
C LYS A 5 -4.18 1.53 0.98
N ARG A 6 -3.27 2.12 1.75
CA ARG A 6 -1.91 1.62 1.79
C ARG A 6 -1.89 0.23 2.43
N LYS A 7 -2.77 0.03 3.42
CA LYS A 7 -2.90 -1.23 4.11
C LYS A 7 -3.47 -2.25 3.17
N GLU A 8 -4.45 -1.83 2.40
CA GLU A 8 -5.04 -2.70 1.42
C GLU A 8 -4.04 -3.09 0.34
N CYS A 9 -3.12 -2.20 0.01
CA CYS A 9 -2.07 -2.54 -0.94
C CYS A 9 -1.03 -3.47 -0.31
N GLU A 10 -0.82 -3.31 0.99
CA GLU A 10 0.06 -4.18 1.78
C GLU A 10 -0.52 -5.60 1.82
N LYS A 11 -1.82 -5.64 1.79
CA LYS A 11 -2.59 -6.85 1.77
C LYS A 11 -2.70 -7.42 0.34
N LYS A 12 -2.95 -6.55 -0.62
CA LYS A 12 -3.07 -6.91 -2.04
C LYS A 12 -1.78 -7.48 -2.58
N TYR A 13 -0.70 -6.78 -2.35
CA TYR A 13 0.59 -7.19 -2.83
C TYR A 13 1.35 -7.82 -1.70
N THR A 14 2.08 -8.86 -2.01
CA THR A 14 2.89 -9.50 -1.01
C THR A 14 4.26 -8.79 -0.98
N ASP A 15 4.46 -7.96 -1.98
CA ASP A 15 5.70 -7.23 -2.14
C ASP A 15 5.68 -5.95 -1.28
N PRO A 16 6.64 -5.83 -0.32
CA PRO A 16 6.73 -4.66 0.59
C PRO A 16 6.97 -3.32 -0.14
N LYS A 17 7.67 -3.36 -1.25
CA LYS A 17 7.94 -2.14 -1.97
C LYS A 17 6.63 -1.66 -2.58
N LYS A 18 5.81 -2.60 -3.04
CA LYS A 18 4.48 -2.29 -3.57
C LYS A 18 3.59 -1.68 -2.50
N ARG A 19 3.76 -2.16 -1.28
CA ARG A 19 3.10 -1.61 -0.11
C ARG A 19 3.42 -0.11 -0.01
N GLU A 20 4.70 0.20 0.00
CA GLU A 20 5.13 1.60 0.15
C GLU A 20 4.98 2.42 -1.13
N GLU A 21 4.92 1.75 -2.25
CA GLU A 21 4.68 2.37 -3.52
C GLU A 21 3.27 2.91 -3.52
N CYS A 22 2.35 2.06 -3.14
CA CYS A 22 0.96 2.43 -3.05
C CYS A 22 0.78 3.48 -1.97
N LYS A 23 1.54 3.34 -0.87
CA LYS A 23 1.49 4.30 0.25
C LYS A 23 1.79 5.73 -0.22
N ARG A 24 2.60 5.86 -1.24
CA ARG A 24 3.02 7.14 -1.76
C ARG A 24 1.85 7.85 -2.50
N LYS A 25 0.87 7.06 -2.92
CA LYS A 25 -0.31 7.60 -3.57
C LYS A 25 -1.49 7.62 -2.61
N ALA A 26 -1.51 6.65 -1.72
CA ALA A 26 -2.57 6.46 -0.77
C ALA A 26 -2.64 7.60 0.23
N HIS A 1 -3.41 8.26 0.30
CA HIS A 1 -3.69 9.22 1.35
C HIS A 1 -4.61 8.57 2.37
N ASP A 2 -5.58 7.82 1.84
CA ASP A 2 -6.56 7.12 2.65
C ASP A 2 -5.91 5.95 3.35
N PRO A 3 -6.21 5.76 4.63
CA PRO A 3 -5.65 4.66 5.42
C PRO A 3 -6.07 3.31 4.85
N GLU A 4 -7.31 3.23 4.38
CA GLU A 4 -7.84 2.00 3.83
C GLU A 4 -7.13 1.60 2.55
N LYS A 5 -6.62 2.57 1.80
CA LYS A 5 -5.87 2.27 0.58
C LYS A 5 -4.49 1.77 0.95
N ARG A 6 -3.90 2.38 1.97
CA ARG A 6 -2.59 1.97 2.48
C ARG A 6 -2.70 0.55 3.02
N LYS A 7 -3.74 0.32 3.81
CA LYS A 7 -4.02 -0.97 4.39
C LYS A 7 -4.28 -1.99 3.29
N GLU A 8 -5.01 -1.57 2.27
CA GLU A 8 -5.33 -2.40 1.14
C GLU A 8 -4.06 -2.88 0.48
N CYS A 9 -3.12 -2.00 0.27
CA CYS A 9 -1.88 -2.35 -0.35
C CYS A 9 -0.97 -3.15 0.57
N GLU A 10 -1.12 -2.97 1.87
CA GLU A 10 -0.40 -3.78 2.86
C GLU A 10 -0.90 -5.22 2.77
N LYS A 11 -2.21 -5.33 2.66
CA LYS A 11 -2.90 -6.61 2.61
C LYS A 11 -2.67 -7.31 1.29
N LYS A 12 -2.90 -6.60 0.21
CA LYS A 12 -2.79 -7.17 -1.13
C LYS A 12 -1.36 -7.38 -1.59
N TYR A 13 -0.48 -6.46 -1.29
CA TYR A 13 0.87 -6.58 -1.78
C TYR A 13 1.81 -7.16 -0.78
N THR A 14 2.36 -8.29 -1.14
CA THR A 14 3.40 -8.92 -0.40
C THR A 14 4.73 -8.32 -0.84
N ASP A 15 4.73 -7.90 -2.10
CA ASP A 15 5.86 -7.25 -2.73
C ASP A 15 6.16 -5.94 -2.03
N PRO A 16 7.40 -5.75 -1.55
CA PRO A 16 7.77 -4.59 -0.76
C PRO A 16 7.76 -3.28 -1.54
N LYS A 17 8.04 -3.33 -2.83
CA LYS A 17 8.15 -2.10 -3.58
C LYS A 17 6.79 -1.63 -4.07
N LYS A 18 5.93 -2.57 -4.47
CA LYS A 18 4.58 -2.22 -4.89
C LYS A 18 3.79 -1.71 -3.69
N ARG A 19 4.00 -2.38 -2.58
CA ARG A 19 3.38 -2.04 -1.33
C ARG A 19 3.85 -0.67 -0.87
N GLU A 20 5.16 -0.44 -0.94
CA GLU A 20 5.76 0.84 -0.60
C GLU A 20 5.20 1.95 -1.47
N GLU A 21 5.28 1.74 -2.77
CA GLU A 21 4.90 2.69 -3.77
C GLU A 21 3.44 3.07 -3.64
N CYS A 22 2.61 2.11 -3.31
CA CYS A 22 1.21 2.39 -3.11
C CYS A 22 1.02 3.17 -1.81
N LYS A 23 1.60 2.67 -0.74
CA LYS A 23 1.45 3.24 0.61
C LYS A 23 1.87 4.71 0.68
N ARG A 24 2.93 5.05 -0.01
CA ARG A 24 3.44 6.43 -0.02
C ARG A 24 2.53 7.36 -0.83
N LYS A 25 1.78 6.79 -1.75
CA LYS A 25 0.95 7.55 -2.66
C LYS A 25 -0.51 7.58 -2.18
N ALA A 26 -0.86 6.64 -1.36
CA ALA A 26 -2.20 6.53 -0.82
C ALA A 26 -2.37 7.46 0.35
N HIS A 1 -3.06 8.27 0.51
CA HIS A 1 -3.12 9.10 1.70
C HIS A 1 -4.35 8.70 2.49
N ASP A 2 -4.90 7.56 2.14
CA ASP A 2 -6.03 6.99 2.84
C ASP A 2 -5.58 5.78 3.61
N PRO A 3 -5.99 5.67 4.87
CA PRO A 3 -5.67 4.52 5.71
C PRO A 3 -6.25 3.23 5.09
N GLU A 4 -7.45 3.34 4.53
CA GLU A 4 -8.12 2.22 3.87
C GLU A 4 -7.32 1.74 2.68
N LYS A 5 -6.87 2.67 1.87
CA LYS A 5 -6.14 2.34 0.66
C LYS A 5 -4.76 1.78 1.00
N ARG A 6 -4.12 2.38 2.01
CA ARG A 6 -2.82 1.90 2.47
C ARG A 6 -2.93 0.48 3.00
N LYS A 7 -4.00 0.21 3.73
CA LYS A 7 -4.22 -1.13 4.26
C LYS A 7 -4.49 -2.09 3.14
N GLU A 8 -5.28 -1.65 2.17
CA GLU A 8 -5.64 -2.46 1.03
C GLU A 8 -4.37 -2.94 0.30
N CYS A 9 -3.45 -2.03 0.08
CA CYS A 9 -2.20 -2.37 -0.58
C CYS A 9 -1.27 -3.18 0.32
N GLU A 10 -1.31 -2.92 1.62
CA GLU A 10 -0.49 -3.65 2.59
C GLU A 10 -0.98 -5.11 2.64
N LYS A 11 -2.27 -5.25 2.63
CA LYS A 11 -2.94 -6.54 2.64
C LYS A 11 -2.72 -7.29 1.32
N LYS A 12 -2.85 -6.60 0.21
CA LYS A 12 -2.71 -7.22 -1.10
C LYS A 12 -1.25 -7.52 -1.44
N TYR A 13 -0.40 -6.54 -1.33
CA TYR A 13 0.96 -6.67 -1.80
C TYR A 13 1.90 -7.25 -0.80
N THR A 14 2.53 -8.31 -1.20
CA THR A 14 3.57 -8.91 -0.43
C THR A 14 4.89 -8.32 -0.89
N ASP A 15 4.90 -7.87 -2.15
CA ASP A 15 6.05 -7.21 -2.76
C ASP A 15 6.30 -5.90 -2.06
N PRO A 16 7.49 -5.74 -1.46
CA PRO A 16 7.81 -4.56 -0.67
C PRO A 16 7.80 -3.26 -1.47
N LYS A 17 8.16 -3.34 -2.72
CA LYS A 17 8.29 -2.16 -3.53
C LYS A 17 6.93 -1.59 -3.87
N LYS A 18 6.07 -2.41 -4.44
CA LYS A 18 4.72 -1.97 -4.85
C LYS A 18 3.88 -1.60 -3.63
N ARG A 19 4.08 -2.32 -2.54
CA ARG A 19 3.41 -2.06 -1.28
C ARG A 19 3.82 -0.69 -0.74
N GLU A 20 5.12 -0.41 -0.82
CA GLU A 20 5.67 0.86 -0.40
C GLU A 20 5.17 1.97 -1.33
N GLU A 21 5.20 1.72 -2.62
CA GLU A 21 4.72 2.67 -3.62
C GLU A 21 3.30 3.08 -3.36
N CYS A 22 2.48 2.11 -3.03
CA CYS A 22 1.11 2.41 -2.75
C CYS A 22 1.02 3.22 -1.47
N LYS A 23 1.78 2.85 -0.44
CA LYS A 23 1.79 3.61 0.83
C LYS A 23 2.26 5.06 0.61
N ARG A 24 3.07 5.25 -0.39
CA ARG A 24 3.54 6.57 -0.80
C ARG A 24 2.46 7.29 -1.61
N LYS A 25 1.66 6.55 -2.34
CA LYS A 25 0.66 7.10 -3.27
C LYS A 25 -0.65 7.40 -2.55
N ALA A 26 -1.01 6.52 -1.67
CA ALA A 26 -2.24 6.61 -0.97
C ALA A 26 -2.10 7.43 0.28
N HIS A 1 -2.48 7.67 0.92
CA HIS A 1 -2.37 8.05 2.31
C HIS A 1 -3.68 7.78 3.01
N ASP A 2 -4.72 7.56 2.22
CA ASP A 2 -6.03 7.28 2.78
C ASP A 2 -6.03 5.86 3.36
N PRO A 3 -6.54 5.73 4.60
CA PRO A 3 -6.55 4.48 5.38
C PRO A 3 -6.85 3.19 4.60
N GLU A 4 -8.02 3.10 3.99
CA GLU A 4 -8.47 1.87 3.33
C GLU A 4 -7.62 1.54 2.12
N LYS A 5 -7.19 2.58 1.43
CA LYS A 5 -6.35 2.43 0.24
C LYS A 5 -5.01 1.79 0.63
N ARG A 6 -4.33 2.41 1.57
CA ARG A 6 -3.04 1.92 1.99
C ARG A 6 -3.15 0.66 2.81
N LYS A 7 -4.27 0.48 3.52
CA LYS A 7 -4.47 -0.73 4.30
C LYS A 7 -4.52 -1.89 3.37
N GLU A 8 -5.30 -1.75 2.31
CA GLU A 8 -5.40 -2.78 1.32
C GLU A 8 -4.07 -3.04 0.65
N CYS A 9 -3.34 -1.99 0.35
CA CYS A 9 -2.01 -2.19 -0.24
C CYS A 9 -1.07 -2.96 0.69
N GLU A 10 -1.12 -2.64 1.97
CA GLU A 10 -0.32 -3.31 2.99
C GLU A 10 -0.80 -4.78 3.16
N LYS A 11 -2.08 -4.96 3.03
CA LYS A 11 -2.74 -6.24 3.24
C LYS A 11 -2.56 -7.16 2.03
N LYS A 12 -2.72 -6.60 0.84
CA LYS A 12 -2.65 -7.37 -0.40
C LYS A 12 -1.23 -7.57 -0.93
N TYR A 13 -0.46 -6.50 -1.04
CA TYR A 13 0.84 -6.60 -1.66
C TYR A 13 1.86 -7.26 -0.78
N THR A 14 2.45 -8.28 -1.28
CA THR A 14 3.52 -8.95 -0.62
C THR A 14 4.82 -8.44 -1.24
N ASP A 15 4.68 -7.75 -2.36
CA ASP A 15 5.78 -7.14 -3.07
C ASP A 15 6.17 -5.86 -2.35
N PRO A 16 7.39 -5.79 -1.82
CA PRO A 16 7.86 -4.64 -1.02
C PRO A 16 7.79 -3.32 -1.76
N LYS A 17 8.15 -3.34 -3.03
CA LYS A 17 8.19 -2.13 -3.82
C LYS A 17 6.78 -1.62 -4.15
N LYS A 18 5.90 -2.51 -4.60
CA LYS A 18 4.52 -2.12 -4.94
C LYS A 18 3.79 -1.62 -3.70
N ARG A 19 4.02 -2.31 -2.59
CA ARG A 19 3.41 -1.95 -1.32
C ARG A 19 3.92 -0.58 -0.88
N GLU A 20 5.23 -0.37 -1.01
CA GLU A 20 5.86 0.89 -0.64
C GLU A 20 5.34 2.03 -1.49
N GLU A 21 5.37 1.84 -2.80
CA GLU A 21 4.90 2.87 -3.71
C GLU A 21 3.45 3.18 -3.55
N CYS A 22 2.66 2.20 -3.16
CA CYS A 22 1.28 2.48 -2.91
C CYS A 22 1.15 3.28 -1.63
N LYS A 23 1.90 2.89 -0.61
CA LYS A 23 1.88 3.52 0.70
C LYS A 23 2.33 4.99 0.63
N ARG A 24 3.21 5.27 -0.30
CA ARG A 24 3.75 6.62 -0.49
C ARG A 24 2.78 7.48 -1.32
N LYS A 25 1.80 6.84 -1.93
CA LYS A 25 0.83 7.53 -2.76
C LYS A 25 -0.52 7.60 -2.06
N ALA A 26 -0.97 6.45 -1.64
CA ALA A 26 -2.23 6.31 -0.99
C ALA A 26 -2.04 6.53 0.50
N HIS A 1 -2.96 7.77 0.66
CA HIS A 1 -3.06 8.94 1.50
C HIS A 1 -4.14 8.69 2.54
N ASP A 2 -4.88 7.63 2.36
CA ASP A 2 -5.91 7.22 3.28
C ASP A 2 -5.49 5.95 3.96
N PRO A 3 -5.81 5.79 5.26
CA PRO A 3 -5.49 4.58 6.02
C PRO A 3 -6.12 3.34 5.39
N GLU A 4 -7.31 3.51 4.81
CA GLU A 4 -7.99 2.43 4.13
C GLU A 4 -7.26 2.00 2.86
N LYS A 5 -6.69 2.98 2.16
CA LYS A 5 -5.95 2.73 0.94
C LYS A 5 -4.68 1.99 1.32
N ARG A 6 -4.08 2.44 2.41
CA ARG A 6 -2.87 1.87 2.99
C ARG A 6 -3.11 0.40 3.35
N LYS A 7 -4.26 0.15 3.93
CA LYS A 7 -4.70 -1.19 4.32
C LYS A 7 -4.87 -2.06 3.07
N GLU A 8 -5.45 -1.46 2.05
CA GLU A 8 -5.70 -2.16 0.80
C GLU A 8 -4.34 -2.57 0.19
N CYS A 9 -3.37 -1.66 0.27
CA CYS A 9 -2.00 -1.90 -0.21
C CYS A 9 -1.33 -3.01 0.61
N GLU A 10 -1.57 -2.97 1.92
CA GLU A 10 -0.99 -3.91 2.87
C GLU A 10 -1.48 -5.32 2.55
N LYS A 11 -2.72 -5.39 2.13
CA LYS A 11 -3.33 -6.63 1.74
C LYS A 11 -2.81 -7.09 0.36
N LYS A 12 -2.97 -6.21 -0.62
CA LYS A 12 -2.63 -6.52 -2.02
C LYS A 12 -1.17 -6.87 -2.28
N TYR A 13 -0.27 -6.08 -1.77
CA TYR A 13 1.10 -6.25 -2.13
C TYR A 13 1.90 -6.88 -1.03
N THR A 14 2.42 -8.05 -1.32
CA THR A 14 3.28 -8.75 -0.42
C THR A 14 4.73 -8.29 -0.63
N ASP A 15 4.96 -7.68 -1.78
CA ASP A 15 6.27 -7.17 -2.16
C ASP A 15 6.52 -5.80 -1.51
N PRO A 16 7.69 -5.62 -0.86
CA PRO A 16 8.07 -4.38 -0.19
C PRO A 16 8.07 -3.15 -1.12
N LYS A 17 8.51 -3.31 -2.37
CA LYS A 17 8.59 -2.16 -3.28
C LYS A 17 7.22 -1.79 -3.74
N LYS A 18 6.44 -2.78 -4.06
CA LYS A 18 5.07 -2.56 -4.49
C LYS A 18 4.23 -1.96 -3.37
N ARG A 19 4.48 -2.42 -2.17
CA ARG A 19 3.80 -1.87 -1.01
C ARG A 19 4.26 -0.44 -0.77
N GLU A 20 5.55 -0.20 -0.99
CA GLU A 20 6.17 1.13 -0.86
C GLU A 20 5.49 2.10 -1.81
N GLU A 21 5.46 1.72 -3.07
CA GLU A 21 4.83 2.49 -4.13
C GLU A 21 3.36 2.70 -3.88
N CYS A 22 2.71 1.70 -3.36
CA CYS A 22 1.29 1.81 -3.10
C CYS A 22 1.06 2.74 -1.92
N LYS A 23 1.90 2.62 -0.88
CA LYS A 23 1.85 3.47 0.33
C LYS A 23 1.98 4.95 -0.06
N ARG A 24 2.74 5.19 -1.10
CA ARG A 24 2.97 6.54 -1.61
C ARG A 24 1.71 7.12 -2.24
N LYS A 25 0.83 6.26 -2.70
CA LYS A 25 -0.43 6.69 -3.26
C LYS A 25 -1.51 6.64 -2.18
N ALA A 26 -1.26 5.83 -1.17
CA ALA A 26 -2.14 5.65 -0.06
C ALA A 26 -2.08 6.83 0.89
N HIS A 1 -2.35 7.47 0.85
CA HIS A 1 -2.01 8.25 2.02
C HIS A 1 -3.04 8.01 3.10
N ASP A 2 -4.16 7.47 2.71
CA ASP A 2 -5.24 7.21 3.63
C ASP A 2 -5.09 5.81 4.22
N PRO A 3 -5.39 5.65 5.53
CA PRO A 3 -5.22 4.39 6.25
C PRO A 3 -5.87 3.17 5.59
N GLU A 4 -7.14 3.31 5.19
CA GLU A 4 -7.86 2.19 4.59
C GLU A 4 -7.24 1.81 3.25
N LYS A 5 -6.91 2.83 2.46
CA LYS A 5 -6.34 2.61 1.14
C LYS A 5 -4.97 1.97 1.26
N ARG A 6 -4.25 2.39 2.27
CA ARG A 6 -2.93 1.88 2.54
C ARG A 6 -3.00 0.43 3.00
N LYS A 7 -4.02 0.10 3.81
CA LYS A 7 -4.23 -1.29 4.25
C LYS A 7 -4.51 -2.14 3.04
N GLU A 8 -5.37 -1.63 2.18
CA GLU A 8 -5.76 -2.26 0.95
C GLU A 8 -4.49 -2.62 0.13
N CYS A 9 -3.57 -1.65 0.03
CA CYS A 9 -2.28 -1.85 -0.67
C CYS A 9 -1.44 -2.93 0.01
N GLU A 10 -1.34 -2.84 1.33
CA GLU A 10 -0.54 -3.77 2.14
C GLU A 10 -1.08 -5.21 2.03
N LYS A 11 -2.35 -5.32 1.81
CA LYS A 11 -3.02 -6.60 1.65
C LYS A 11 -2.74 -7.16 0.25
N LYS A 12 -2.88 -6.30 -0.74
CA LYS A 12 -2.72 -6.67 -2.16
C LYS A 12 -1.27 -7.02 -2.48
N TYR A 13 -0.38 -6.14 -2.12
CA TYR A 13 1.01 -6.29 -2.46
C TYR A 13 1.79 -6.91 -1.32
N THR A 14 2.29 -8.09 -1.55
CA THR A 14 3.07 -8.77 -0.54
C THR A 14 4.54 -8.26 -0.60
N ASP A 15 4.91 -7.70 -1.73
CA ASP A 15 6.23 -7.11 -1.91
C ASP A 15 6.32 -5.78 -1.15
N PRO A 16 7.29 -5.65 -0.22
CA PRO A 16 7.49 -4.43 0.57
C PRO A 16 7.64 -3.17 -0.31
N LYS A 17 8.33 -3.27 -1.42
CA LYS A 17 8.55 -2.12 -2.29
C LYS A 17 7.27 -1.73 -3.00
N LYS A 18 6.48 -2.73 -3.40
CA LYS A 18 5.16 -2.49 -3.98
C LYS A 18 4.24 -1.86 -2.94
N ARG A 19 4.40 -2.27 -1.69
CA ARG A 19 3.64 -1.70 -0.59
C ARG A 19 3.97 -0.21 -0.49
N GLU A 20 5.28 0.11 -0.51
CA GLU A 20 5.75 1.50 -0.48
C GLU A 20 5.22 2.28 -1.69
N GLU A 21 5.29 1.63 -2.84
CA GLU A 21 4.85 2.17 -4.10
C GLU A 21 3.39 2.57 -4.07
N CYS A 22 2.55 1.65 -3.64
CA CYS A 22 1.12 1.89 -3.58
C CYS A 22 0.83 2.96 -2.50
N LYS A 23 1.60 2.90 -1.42
CA LYS A 23 1.49 3.84 -0.30
C LYS A 23 1.83 5.28 -0.73
N ARG A 24 2.55 5.42 -1.86
CA ARG A 24 2.88 6.74 -2.40
C ARG A 24 1.64 7.45 -2.88
N LYS A 25 0.60 6.67 -3.15
CA LYS A 25 -0.66 7.23 -3.53
C LYS A 25 -1.65 7.04 -2.40
N ALA A 26 -1.55 5.90 -1.73
CA ALA A 26 -2.41 5.58 -0.62
C ALA A 26 -1.93 6.25 0.66
N HIS A 1 -3.69 8.36 -0.45
CA HIS A 1 -3.93 9.21 0.71
C HIS A 1 -5.14 8.72 1.47
N ASP A 2 -5.59 7.55 1.10
CA ASP A 2 -6.73 6.94 1.76
C ASP A 2 -6.31 6.43 3.12
N PRO A 3 -7.19 6.44 4.11
CA PRO A 3 -6.87 5.89 5.43
C PRO A 3 -6.84 4.35 5.36
N GLU A 4 -7.32 3.85 4.25
CA GLU A 4 -7.40 2.43 3.96
C GLU A 4 -6.12 1.92 3.26
N LYS A 5 -5.24 2.87 2.86
CA LYS A 5 -4.06 2.57 2.01
C LYS A 5 -3.13 1.49 2.60
N ARG A 6 -2.84 1.59 3.89
CA ARG A 6 -1.92 0.66 4.52
C ARG A 6 -2.51 -0.74 4.54
N LYS A 7 -3.79 -0.82 4.81
CA LYS A 7 -4.49 -2.10 4.91
C LYS A 7 -4.61 -2.75 3.56
N GLU A 8 -5.27 -2.04 2.66
CA GLU A 8 -5.55 -2.51 1.33
C GLU A 8 -4.26 -2.87 0.64
N CYS A 9 -3.31 -2.00 0.71
CA CYS A 9 -2.11 -2.19 -0.04
C CYS A 9 -1.13 -3.15 0.59
N GLU A 10 -1.21 -3.36 1.91
CA GLU A 10 -0.37 -4.36 2.51
C GLU A 10 -0.87 -5.73 2.10
N LYS A 11 -2.16 -5.91 2.13
CA LYS A 11 -2.69 -7.20 1.80
C LYS A 11 -2.87 -7.39 0.29
N LYS A 12 -2.77 -6.31 -0.46
CA LYS A 12 -2.82 -6.39 -1.92
C LYS A 12 -1.43 -6.70 -2.45
N TYR A 13 -0.41 -6.13 -1.84
CA TYR A 13 0.94 -6.32 -2.31
C TYR A 13 1.77 -7.02 -1.26
N THR A 14 2.13 -8.25 -1.50
CA THR A 14 3.09 -8.92 -0.65
C THR A 14 4.49 -8.44 -1.03
N ASP A 15 4.59 -7.87 -2.21
CA ASP A 15 5.80 -7.27 -2.73
C ASP A 15 6.07 -5.97 -1.95
N PRO A 16 7.26 -5.84 -1.33
CA PRO A 16 7.58 -4.68 -0.50
C PRO A 16 7.70 -3.38 -1.28
N LYS A 17 8.11 -3.45 -2.54
CA LYS A 17 8.31 -2.24 -3.32
C LYS A 17 6.99 -1.67 -3.74
N LYS A 18 6.14 -2.51 -4.27
CA LYS A 18 4.82 -2.11 -4.72
C LYS A 18 3.98 -1.61 -3.55
N ARG A 19 4.14 -2.27 -2.41
CA ARG A 19 3.45 -1.89 -1.20
C ARG A 19 3.91 -0.51 -0.73
N GLU A 20 5.22 -0.31 -0.72
CA GLU A 20 5.83 0.98 -0.38
C GLU A 20 5.33 2.07 -1.35
N GLU A 21 5.19 1.71 -2.62
CA GLU A 21 4.69 2.64 -3.63
C GLU A 21 3.28 3.06 -3.34
N CYS A 22 2.40 2.11 -3.08
CA CYS A 22 1.01 2.45 -2.81
C CYS A 22 0.90 3.30 -1.54
N LYS A 23 1.65 2.91 -0.53
CA LYS A 23 1.66 3.57 0.77
C LYS A 23 2.06 5.05 0.65
N ARG A 24 2.96 5.36 -0.28
CA ARG A 24 3.39 6.73 -0.49
C ARG A 24 2.52 7.44 -1.54
N LYS A 25 1.70 6.69 -2.22
CA LYS A 25 0.93 7.21 -3.34
C LYS A 25 -0.48 7.57 -2.93
N ALA A 26 -1.14 6.64 -2.28
CA ALA A 26 -2.51 6.85 -1.88
C ALA A 26 -2.57 7.72 -0.63
N HIS A 1 -3.28 8.37 0.06
CA HIS A 1 -3.30 9.21 1.25
C HIS A 1 -4.44 8.82 2.17
N ASP A 2 -5.30 7.95 1.69
CA ASP A 2 -6.44 7.50 2.47
C ASP A 2 -6.06 6.32 3.30
N PRO A 3 -6.63 6.17 4.52
CA PRO A 3 -6.30 5.09 5.46
C PRO A 3 -6.47 3.68 4.87
N GLU A 4 -7.27 3.57 3.82
CA GLU A 4 -7.51 2.32 3.11
C GLU A 4 -6.18 1.74 2.57
N LYS A 5 -5.23 2.63 2.25
CA LYS A 5 -3.97 2.24 1.62
C LYS A 5 -3.20 1.22 2.46
N ARG A 6 -3.20 1.39 3.79
CA ARG A 6 -2.47 0.47 4.65
C ARG A 6 -3.05 -0.91 4.55
N LYS A 7 -4.34 -0.98 4.73
CA LYS A 7 -5.03 -2.24 4.77
C LYS A 7 -5.00 -2.90 3.41
N GLU A 8 -5.49 -2.18 2.42
CA GLU A 8 -5.65 -2.70 1.08
C GLU A 8 -4.29 -3.07 0.48
N CYS A 9 -3.28 -2.27 0.74
CA CYS A 9 -1.99 -2.54 0.14
C CYS A 9 -1.16 -3.56 0.88
N GLU A 10 -1.38 -3.72 2.19
CA GLU A 10 -0.65 -4.77 2.90
C GLU A 10 -1.33 -6.12 2.58
N LYS A 11 -2.62 -6.03 2.34
CA LYS A 11 -3.45 -7.14 1.95
C LYS A 11 -3.09 -7.63 0.55
N LYS A 12 -3.14 -6.73 -0.41
CA LYS A 12 -2.92 -7.08 -1.79
C LYS A 12 -1.44 -7.17 -2.16
N TYR A 13 -0.64 -6.29 -1.64
CA TYR A 13 0.73 -6.24 -2.02
C TYR A 13 1.65 -6.80 -0.97
N THR A 14 2.09 -8.00 -1.19
CA THR A 14 3.09 -8.61 -0.37
C THR A 14 4.44 -8.02 -0.76
N ASP A 15 4.53 -7.64 -2.02
CA ASP A 15 5.70 -7.03 -2.61
C ASP A 15 6.02 -5.71 -1.91
N PRO A 16 7.20 -5.62 -1.28
CA PRO A 16 7.62 -4.43 -0.53
C PRO A 16 7.62 -3.16 -1.37
N LYS A 17 8.04 -3.26 -2.63
CA LYS A 17 8.13 -2.07 -3.47
C LYS A 17 6.79 -1.54 -3.93
N LYS A 18 5.93 -2.42 -4.39
CA LYS A 18 4.58 -1.99 -4.80
C LYS A 18 3.79 -1.46 -3.61
N ARG A 19 4.03 -2.06 -2.47
CA ARG A 19 3.40 -1.63 -1.25
C ARG A 19 4.00 -0.30 -0.75
N GLU A 20 5.32 -0.17 -0.87
CA GLU A 20 6.04 1.06 -0.52
C GLU A 20 5.56 2.21 -1.41
N GLU A 21 5.41 1.92 -2.68
CA GLU A 21 4.89 2.89 -3.61
C GLU A 21 3.46 3.22 -3.32
N CYS A 22 2.68 2.24 -2.93
CA CYS A 22 1.30 2.49 -2.55
C CYS A 22 1.25 3.49 -1.39
N LYS A 23 2.15 3.30 -0.42
CA LYS A 23 2.28 4.16 0.74
C LYS A 23 2.52 5.63 0.31
N ARG A 24 3.23 5.80 -0.78
CA ARG A 24 3.55 7.11 -1.35
C ARG A 24 2.51 7.59 -2.37
N LYS A 25 1.64 6.71 -2.79
CA LYS A 25 0.66 7.02 -3.82
C LYS A 25 -0.66 7.43 -3.21
N ALA A 26 -1.09 6.69 -2.23
CA ALA A 26 -2.36 6.94 -1.63
C ALA A 26 -2.20 7.76 -0.35
N HIS A 1 -3.50 8.40 0.30
CA HIS A 1 -3.60 9.32 1.45
C HIS A 1 -4.52 8.72 2.51
N ASP A 2 -5.01 7.54 2.23
CA ASP A 2 -5.88 6.84 3.15
C ASP A 2 -5.16 5.64 3.71
N PRO A 3 -5.20 5.45 5.02
CA PRO A 3 -4.64 4.27 5.67
C PRO A 3 -5.47 3.04 5.29
N GLU A 4 -6.72 3.31 4.95
CA GLU A 4 -7.64 2.33 4.43
C GLU A 4 -7.10 1.77 3.11
N LYS A 5 -6.75 2.68 2.21
CA LYS A 5 -6.18 2.31 0.92
C LYS A 5 -4.82 1.65 1.12
N ARG A 6 -4.04 2.21 2.04
CA ARG A 6 -2.76 1.62 2.40
C ARG A 6 -2.95 0.16 2.84
N LYS A 7 -3.93 -0.06 3.72
CA LYS A 7 -4.23 -1.39 4.24
C LYS A 7 -4.51 -2.34 3.12
N GLU A 8 -5.35 -1.89 2.19
CA GLU A 8 -5.69 -2.70 1.05
C GLU A 8 -4.41 -3.10 0.31
N CYS A 9 -3.58 -2.12 0.01
CA CYS A 9 -2.35 -2.35 -0.74
C CYS A 9 -1.39 -3.24 0.03
N GLU A 10 -1.33 -3.03 1.33
CA GLU A 10 -0.42 -3.78 2.18
C GLU A 10 -0.90 -5.23 2.36
N LYS A 11 -2.19 -5.46 2.14
CA LYS A 11 -2.70 -6.82 2.21
C LYS A 11 -2.64 -7.49 0.84
N LYS A 12 -2.92 -6.72 -0.20
CA LYS A 12 -2.90 -7.22 -1.58
C LYS A 12 -1.49 -7.51 -2.04
N TYR A 13 -0.59 -6.60 -1.80
CA TYR A 13 0.77 -6.73 -2.22
C TYR A 13 1.62 -7.18 -1.06
N THR A 14 2.15 -8.36 -1.16
CA THR A 14 3.03 -8.86 -0.16
C THR A 14 4.46 -8.38 -0.43
N ASP A 15 4.68 -7.91 -1.65
CA ASP A 15 5.96 -7.33 -2.06
C ASP A 15 6.14 -5.97 -1.41
N PRO A 16 7.27 -5.76 -0.71
CA PRO A 16 7.55 -4.51 -0.03
C PRO A 16 7.64 -3.30 -0.95
N LYS A 17 8.15 -3.50 -2.15
CA LYS A 17 8.33 -2.40 -3.09
C LYS A 17 7.01 -1.85 -3.58
N LYS A 18 6.13 -2.72 -4.04
CA LYS A 18 4.80 -2.30 -4.48
C LYS A 18 3.98 -1.75 -3.33
N ARG A 19 4.25 -2.27 -2.13
CA ARG A 19 3.64 -1.77 -0.92
C ARG A 19 4.03 -0.31 -0.72
N GLU A 20 5.34 -0.06 -0.76
CA GLU A 20 5.88 1.29 -0.59
C GLU A 20 5.37 2.22 -1.67
N GLU A 21 5.24 1.71 -2.89
CA GLU A 21 4.71 2.49 -3.99
C GLU A 21 3.30 2.98 -3.73
N CYS A 22 2.43 2.09 -3.28
CA CYS A 22 1.06 2.51 -2.96
C CYS A 22 1.07 3.45 -1.76
N LYS A 23 1.92 3.13 -0.79
CA LYS A 23 2.10 3.88 0.46
C LYS A 23 2.35 5.37 0.20
N ARG A 24 3.14 5.69 -0.82
CA ARG A 24 3.47 7.08 -1.15
C ARG A 24 2.34 7.82 -1.83
N LYS A 25 1.41 7.09 -2.42
CA LYS A 25 0.35 7.72 -3.18
C LYS A 25 -0.94 7.80 -2.37
N ALA A 26 -1.34 6.69 -1.79
CA ALA A 26 -2.57 6.61 -1.03
C ALA A 26 -2.53 7.52 0.19
N HIS A 1 -1.89 7.11 0.33
CA HIS A 1 -1.75 7.73 1.68
C HIS A 1 -2.89 7.37 2.67
N ASP A 2 -4.12 7.26 2.18
CA ASP A 2 -5.31 6.96 3.01
C ASP A 2 -5.15 5.66 3.78
N PRO A 3 -5.66 5.59 5.03
CA PRO A 3 -5.52 4.42 5.91
C PRO A 3 -6.12 3.16 5.27
N GLU A 4 -7.31 3.30 4.72
CA GLU A 4 -8.02 2.18 4.09
C GLU A 4 -7.25 1.66 2.88
N LYS A 5 -6.72 2.59 2.11
CA LYS A 5 -5.93 2.26 0.93
C LYS A 5 -4.62 1.59 1.32
N ARG A 6 -4.01 2.08 2.40
CA ARG A 6 -2.79 1.50 2.94
C ARG A 6 -3.04 0.05 3.34
N LYS A 7 -4.15 -0.19 4.03
CA LYS A 7 -4.54 -1.54 4.45
C LYS A 7 -4.76 -2.42 3.23
N GLU A 8 -5.43 -1.87 2.24
CA GLU A 8 -5.72 -2.57 1.02
C GLU A 8 -4.43 -3.00 0.33
N CYS A 9 -3.47 -2.12 0.28
CA CYS A 9 -2.21 -2.43 -0.34
C CYS A 9 -1.36 -3.34 0.51
N GLU A 10 -1.52 -3.26 1.83
CA GLU A 10 -0.82 -4.14 2.77
C GLU A 10 -1.31 -5.58 2.58
N LYS A 11 -2.58 -5.68 2.23
CA LYS A 11 -3.25 -6.93 1.97
C LYS A 11 -2.93 -7.46 0.56
N LYS A 12 -3.12 -6.61 -0.42
CA LYS A 12 -2.94 -6.98 -1.82
C LYS A 12 -1.47 -7.18 -2.17
N TYR A 13 -0.63 -6.31 -1.70
CA TYR A 13 0.76 -6.33 -2.06
C TYR A 13 1.62 -6.77 -0.90
N THR A 14 2.18 -7.94 -1.02
CA THR A 14 3.14 -8.41 -0.07
C THR A 14 4.52 -7.95 -0.47
N ASP A 15 4.64 -7.51 -1.72
CA ASP A 15 5.89 -6.98 -2.24
C ASP A 15 6.17 -5.63 -1.59
N PRO A 16 7.32 -5.52 -0.89
CA PRO A 16 7.72 -4.29 -0.18
C PRO A 16 7.71 -3.04 -1.05
N LYS A 17 8.14 -3.16 -2.30
CA LYS A 17 8.26 -2.00 -3.16
C LYS A 17 6.87 -1.54 -3.60
N LYS A 18 6.02 -2.50 -3.97
CA LYS A 18 4.64 -2.19 -4.36
C LYS A 18 3.86 -1.60 -3.20
N ARG A 19 4.17 -2.07 -2.02
CA ARG A 19 3.59 -1.57 -0.80
C ARG A 19 4.05 -0.12 -0.59
N GLU A 20 5.35 0.10 -0.75
CA GLU A 20 5.99 1.40 -0.65
C GLU A 20 5.38 2.37 -1.68
N GLU A 21 5.26 1.91 -2.91
CA GLU A 21 4.66 2.66 -4.00
C GLU A 21 3.26 3.11 -3.64
N CYS A 22 2.47 2.19 -3.13
CA CYS A 22 1.11 2.50 -2.76
C CYS A 22 1.06 3.45 -1.55
N LYS A 23 1.99 3.26 -0.63
CA LYS A 23 2.07 4.08 0.57
C LYS A 23 2.30 5.55 0.21
N ARG A 24 3.09 5.76 -0.83
CA ARG A 24 3.38 7.09 -1.34
C ARG A 24 2.33 7.54 -2.35
N LYS A 25 1.44 6.65 -2.71
CA LYS A 25 0.46 6.94 -3.73
C LYS A 25 -0.88 7.31 -3.13
N ALA A 26 -1.41 6.45 -2.32
CA ALA A 26 -2.75 6.63 -1.82
C ALA A 26 -2.80 7.41 -0.53
N HIS A 1 -3.66 7.80 -0.18
CA HIS A 1 -3.75 8.82 0.85
C HIS A 1 -4.95 8.54 1.73
N ASP A 2 -5.57 7.41 1.50
CA ASP A 2 -6.69 6.95 2.30
C ASP A 2 -6.16 6.42 3.62
N PRO A 3 -6.96 6.39 4.69
CA PRO A 3 -6.54 5.79 5.98
C PRO A 3 -6.30 4.27 5.81
N GLU A 4 -6.83 3.77 4.71
CA GLU A 4 -6.76 2.38 4.31
C GLU A 4 -5.44 2.10 3.55
N LYS A 5 -4.61 3.13 3.40
CA LYS A 5 -3.37 3.04 2.57
C LYS A 5 -2.53 1.76 2.76
N ARG A 6 -2.04 1.52 3.97
CA ARG A 6 -1.21 0.35 4.18
C ARG A 6 -2.03 -0.89 4.03
N LYS A 7 -3.21 -0.83 4.58
CA LYS A 7 -4.16 -1.91 4.61
C LYS A 7 -4.42 -2.45 3.22
N GLU A 8 -4.88 -1.57 2.36
CA GLU A 8 -5.22 -1.91 1.00
C GLU A 8 -3.98 -2.34 0.24
N CYS A 9 -2.89 -1.62 0.45
CA CYS A 9 -1.71 -1.88 -0.32
C CYS A 9 -0.98 -3.13 0.14
N GLU A 10 -1.17 -3.51 1.38
CA GLU A 10 -0.56 -4.72 1.92
C GLU A 10 -1.47 -5.91 1.64
N LYS A 11 -2.75 -5.62 1.49
CA LYS A 11 -3.74 -6.61 1.16
C LYS A 11 -3.51 -7.08 -0.27
N LYS A 12 -3.21 -6.14 -1.14
CA LYS A 12 -2.96 -6.47 -2.53
C LYS A 12 -1.49 -6.80 -2.76
N TYR A 13 -0.60 -5.98 -2.25
CA TYR A 13 0.81 -6.14 -2.50
C TYR A 13 1.50 -6.63 -1.25
N THR A 14 2.04 -7.80 -1.30
CA THR A 14 2.81 -8.30 -0.21
C THR A 14 4.29 -7.97 -0.45
N ASP A 15 4.56 -7.54 -1.67
CA ASP A 15 5.87 -7.07 -2.05
C ASP A 15 6.11 -5.72 -1.42
N PRO A 16 7.19 -5.58 -0.62
CA PRO A 16 7.45 -4.35 0.14
C PRO A 16 7.66 -3.12 -0.74
N LYS A 17 8.22 -3.31 -1.92
CA LYS A 17 8.50 -2.21 -2.80
C LYS A 17 7.18 -1.69 -3.37
N LYS A 18 6.39 -2.60 -3.93
CA LYS A 18 5.08 -2.26 -4.48
C LYS A 18 4.18 -1.72 -3.39
N ARG A 19 4.23 -2.36 -2.23
CA ARG A 19 3.43 -1.95 -1.09
C ARG A 19 3.74 -0.52 -0.66
N GLU A 20 5.02 -0.18 -0.57
CA GLU A 20 5.40 1.15 -0.14
C GLU A 20 5.06 2.17 -1.20
N GLU A 21 5.31 1.84 -2.46
CA GLU A 21 4.98 2.71 -3.56
C GLU A 21 3.50 2.94 -3.62
N CYS A 22 2.74 1.90 -3.38
CA CYS A 22 1.32 1.97 -3.37
C CYS A 22 0.85 2.84 -2.20
N LYS A 23 1.42 2.61 -1.02
CA LYS A 23 1.06 3.32 0.22
C LYS A 23 1.43 4.81 0.11
N ARG A 24 2.25 5.14 -0.85
CA ARG A 24 2.67 6.50 -1.10
C ARG A 24 1.66 7.17 -2.04
N LYS A 25 0.99 6.37 -2.82
CA LYS A 25 0.00 6.84 -3.76
C LYS A 25 -1.38 6.81 -3.11
N ALA A 26 -1.51 6.03 -2.08
CA ALA A 26 -2.73 5.93 -1.34
C ALA A 26 -2.70 6.93 -0.20
N HIS A 1 -3.24 8.23 0.41
CA HIS A 1 -3.35 9.24 1.43
C HIS A 1 -4.30 8.75 2.50
N ASP A 2 -5.00 7.67 2.18
CA ASP A 2 -5.96 7.06 3.07
C ASP A 2 -5.35 5.86 3.74
N PRO A 3 -5.52 5.71 5.05
CA PRO A 3 -5.04 4.55 5.79
C PRO A 3 -5.79 3.28 5.36
N GLU A 4 -6.97 3.48 4.80
CA GLU A 4 -7.79 2.40 4.26
C GLU A 4 -7.08 1.79 3.06
N LYS A 5 -6.62 2.65 2.16
CA LYS A 5 -5.92 2.21 0.96
C LYS A 5 -4.61 1.56 1.31
N ARG A 6 -3.94 2.09 2.32
CA ARG A 6 -2.69 1.49 2.81
C ARG A 6 -2.92 0.06 3.25
N LYS A 7 -4.02 -0.15 3.96
CA LYS A 7 -4.40 -1.47 4.46
C LYS A 7 -4.65 -2.40 3.29
N GLU A 8 -5.43 -1.92 2.33
CA GLU A 8 -5.76 -2.69 1.15
C GLU A 8 -4.50 -3.02 0.35
N CYS A 9 -3.59 -2.07 0.27
CA CYS A 9 -2.34 -2.25 -0.45
C CYS A 9 -1.37 -3.15 0.27
N GLU A 10 -1.36 -3.12 1.59
CA GLU A 10 -0.49 -3.99 2.37
C GLU A 10 -0.96 -5.42 2.23
N LYS A 11 -2.26 -5.57 2.16
CA LYS A 11 -2.90 -6.85 1.91
C LYS A 11 -2.57 -7.35 0.50
N LYS A 12 -2.88 -6.51 -0.47
CA LYS A 12 -2.71 -6.80 -1.89
C LYS A 12 -1.25 -7.04 -2.26
N TYR A 13 -0.38 -6.14 -1.87
CA TYR A 13 0.99 -6.22 -2.25
C TYR A 13 1.79 -6.86 -1.16
N THR A 14 2.18 -8.08 -1.40
CA THR A 14 3.05 -8.79 -0.50
C THR A 14 4.47 -8.31 -0.75
N ASP A 15 4.63 -7.72 -1.93
CA ASP A 15 5.86 -7.14 -2.38
C ASP A 15 6.10 -5.85 -1.61
N PRO A 16 7.20 -5.77 -0.85
CA PRO A 16 7.49 -4.61 0.00
C PRO A 16 7.69 -3.31 -0.80
N LYS A 17 8.12 -3.45 -2.03
CA LYS A 17 8.40 -2.31 -2.86
C LYS A 17 7.12 -1.76 -3.44
N LYS A 18 6.20 -2.64 -3.82
CA LYS A 18 4.90 -2.22 -4.28
C LYS A 18 4.02 -1.75 -3.13
N ARG A 19 4.26 -2.32 -1.96
CA ARG A 19 3.64 -1.86 -0.72
C ARG A 19 4.06 -0.41 -0.54
N GLU A 20 5.35 -0.17 -0.75
CA GLU A 20 5.96 1.15 -0.66
C GLU A 20 5.40 2.09 -1.77
N GLU A 21 5.18 1.55 -2.98
CA GLU A 21 4.61 2.34 -4.07
C GLU A 21 3.25 2.87 -3.70
N CYS A 22 2.40 2.00 -3.17
CA CYS A 22 1.08 2.41 -2.79
C CYS A 22 1.15 3.35 -1.59
N LYS A 23 2.13 3.13 -0.69
CA LYS A 23 2.33 3.98 0.49
C LYS A 23 2.51 5.47 0.10
N ARG A 24 3.05 5.70 -1.08
CA ARG A 24 3.27 7.04 -1.60
C ARG A 24 2.01 7.55 -2.30
N LYS A 25 1.22 6.63 -2.80
CA LYS A 25 0.04 6.93 -3.58
C LYS A 25 -1.16 7.16 -2.67
N ALA A 26 -1.24 6.36 -1.65
CA ALA A 26 -2.33 6.37 -0.74
C ALA A 26 -2.21 7.44 0.30
N HIS A 1 -3.36 7.89 0.30
CA HIS A 1 -3.35 8.86 1.39
C HIS A 1 -4.23 8.34 2.51
N ASP A 2 -5.29 7.68 2.12
CA ASP A 2 -6.28 7.16 3.03
C ASP A 2 -5.77 5.92 3.72
N PRO A 3 -6.04 5.78 5.03
CA PRO A 3 -5.52 4.67 5.85
C PRO A 3 -6.01 3.32 5.37
N GLU A 4 -7.29 3.24 5.03
CA GLU A 4 -7.89 2.00 4.58
C GLU A 4 -7.39 1.62 3.19
N LYS A 5 -7.00 2.62 2.42
CA LYS A 5 -6.44 2.38 1.10
C LYS A 5 -5.00 1.92 1.23
N ARG A 6 -4.30 2.50 2.17
CA ARG A 6 -2.93 2.14 2.44
C ARG A 6 -2.87 0.73 3.04
N LYS A 7 -3.86 0.44 3.88
CA LYS A 7 -4.07 -0.91 4.44
C LYS A 7 -4.29 -1.87 3.31
N GLU A 8 -5.15 -1.46 2.40
CA GLU A 8 -5.47 -2.23 1.24
C GLU A 8 -4.21 -2.53 0.43
N CYS A 9 -3.33 -1.53 0.30
CA CYS A 9 -2.04 -1.71 -0.39
C CYS A 9 -1.18 -2.75 0.30
N GLU A 10 -1.12 -2.68 1.62
CA GLU A 10 -0.32 -3.60 2.42
C GLU A 10 -0.89 -5.03 2.35
N LYS A 11 -2.18 -5.11 2.17
CA LYS A 11 -2.85 -6.38 2.03
C LYS A 11 -2.69 -6.90 0.57
N LYS A 12 -2.79 -5.98 -0.38
CA LYS A 12 -2.74 -6.28 -1.81
C LYS A 12 -1.34 -6.72 -2.22
N TYR A 13 -0.36 -5.99 -1.79
CA TYR A 13 0.99 -6.25 -2.17
C TYR A 13 1.78 -6.88 -1.06
N THR A 14 2.33 -8.01 -1.34
CA THR A 14 3.20 -8.68 -0.43
C THR A 14 4.64 -8.29 -0.77
N ASP A 15 4.83 -7.81 -1.99
CA ASP A 15 6.11 -7.29 -2.42
C ASP A 15 6.30 -5.94 -1.78
N PRO A 16 7.31 -5.81 -0.90
CA PRO A 16 7.52 -4.59 -0.13
C PRO A 16 7.83 -3.36 -1.00
N LYS A 17 8.31 -3.55 -2.21
CA LYS A 17 8.61 -2.44 -3.08
C LYS A 17 7.34 -1.87 -3.69
N LYS A 18 6.52 -2.75 -4.24
CA LYS A 18 5.22 -2.35 -4.81
C LYS A 18 4.33 -1.81 -3.70
N ARG A 19 4.44 -2.45 -2.54
CA ARG A 19 3.71 -2.07 -1.35
C ARG A 19 4.08 -0.66 -0.95
N GLU A 20 5.39 -0.38 -0.92
CA GLU A 20 5.93 0.94 -0.61
C GLU A 20 5.36 1.98 -1.55
N GLU A 21 5.37 1.66 -2.84
CA GLU A 21 4.84 2.54 -3.88
C GLU A 21 3.37 2.84 -3.63
N CYS A 22 2.62 1.83 -3.28
CA CYS A 22 1.21 2.00 -3.08
C CYS A 22 0.97 2.75 -1.75
N LYS A 23 1.80 2.47 -0.73
CA LYS A 23 1.72 3.14 0.58
C LYS A 23 1.95 4.64 0.45
N ARG A 24 2.83 5.02 -0.45
CA ARG A 24 3.12 6.42 -0.70
C ARG A 24 2.16 7.02 -1.72
N LYS A 25 1.29 6.19 -2.26
CA LYS A 25 0.31 6.64 -3.20
C LYS A 25 -1.00 6.89 -2.49
N ALA A 26 -1.41 5.92 -1.70
CA ALA A 26 -2.63 6.00 -0.97
C ALA A 26 -2.48 6.94 0.22
N HIS A 1 -4.03 7.55 -0.78
CA HIS A 1 -4.43 8.75 -0.09
C HIS A 1 -5.34 8.42 1.08
N ASP A 2 -5.76 7.18 1.17
CA ASP A 2 -6.64 6.75 2.24
C ASP A 2 -5.81 6.33 3.44
N PRO A 3 -6.35 6.44 4.66
CA PRO A 3 -5.67 5.95 5.88
C PRO A 3 -5.64 4.42 5.89
N GLU A 4 -6.54 3.87 5.09
CA GLU A 4 -6.72 2.43 4.92
C GLU A 4 -5.61 1.84 4.05
N LYS A 5 -4.68 2.70 3.63
CA LYS A 5 -3.55 2.34 2.78
C LYS A 5 -2.73 1.20 3.38
N ARG A 6 -2.70 1.08 4.71
CA ARG A 6 -1.99 0.00 5.37
C ARG A 6 -2.57 -1.34 4.93
N LYS A 7 -3.83 -1.50 5.21
CA LYS A 7 -4.57 -2.70 4.93
C LYS A 7 -4.63 -2.94 3.44
N GLU A 8 -5.18 -1.99 2.72
CA GLU A 8 -5.43 -2.13 1.32
C GLU A 8 -4.17 -2.23 0.46
N CYS A 9 -3.09 -1.62 0.87
CA CYS A 9 -1.89 -1.76 0.09
C CYS A 9 -1.21 -3.05 0.40
N GLU A 10 -1.38 -3.57 1.62
CA GLU A 10 -0.87 -4.90 1.94
C GLU A 10 -1.71 -5.97 1.20
N LYS A 11 -3.00 -5.66 1.04
CA LYS A 11 -3.94 -6.50 0.29
C LYS A 11 -3.53 -6.60 -1.18
N LYS A 12 -3.22 -5.45 -1.75
CA LYS A 12 -2.84 -5.39 -3.15
C LYS A 12 -1.37 -5.80 -3.34
N TYR A 13 -0.50 -5.39 -2.43
CA TYR A 13 0.90 -5.67 -2.55
C TYR A 13 1.47 -6.19 -1.24
N THR A 14 1.80 -7.44 -1.23
CA THR A 14 2.47 -8.01 -0.09
C THR A 14 3.98 -7.74 -0.26
N ASP A 15 4.33 -7.41 -1.48
CA ASP A 15 5.65 -7.01 -1.91
C ASP A 15 6.01 -5.71 -1.23
N PRO A 16 7.13 -5.66 -0.48
CA PRO A 16 7.50 -4.46 0.31
C PRO A 16 7.75 -3.22 -0.57
N LYS A 17 8.30 -3.44 -1.74
CA LYS A 17 8.66 -2.36 -2.64
C LYS A 17 7.41 -1.76 -3.27
N LYS A 18 6.57 -2.64 -3.79
CA LYS A 18 5.33 -2.23 -4.43
C LYS A 18 4.37 -1.67 -3.37
N ARG A 19 4.41 -2.24 -2.18
CA ARG A 19 3.59 -1.78 -1.07
C ARG A 19 4.01 -0.38 -0.69
N GLU A 20 5.31 -0.13 -0.69
CA GLU A 20 5.86 1.17 -0.39
C GLU A 20 5.46 2.18 -1.48
N GLU A 21 5.40 1.71 -2.72
CA GLU A 21 4.92 2.54 -3.81
C GLU A 21 3.47 2.88 -3.59
N CYS A 22 2.68 1.86 -3.27
CA CYS A 22 1.26 2.01 -3.02
C CYS A 22 1.05 2.96 -1.85
N LYS A 23 1.87 2.80 -0.81
CA LYS A 23 1.88 3.66 0.39
C LYS A 23 1.91 5.14 0.02
N ARG A 24 2.66 5.45 -1.01
CA ARG A 24 2.84 6.81 -1.47
C ARG A 24 1.78 7.20 -2.51
N LYS A 25 1.16 6.21 -3.09
CA LYS A 25 0.18 6.43 -4.15
C LYS A 25 -1.23 6.46 -3.55
N ALA A 26 -1.34 5.98 -2.36
CA ALA A 26 -2.56 5.89 -1.65
C ALA A 26 -2.80 7.14 -0.84
N HIS A 1 -3.86 8.00 -0.77
CA HIS A 1 -4.03 9.09 0.18
C HIS A 1 -4.97 8.71 1.30
N ASP A 2 -5.69 7.64 1.13
CA ASP A 2 -6.59 7.16 2.16
C ASP A 2 -5.81 6.39 3.17
N PRO A 3 -6.11 6.53 4.47
CA PRO A 3 -5.39 5.80 5.53
C PRO A 3 -5.60 4.29 5.44
N GLU A 4 -6.57 3.91 4.62
CA GLU A 4 -6.92 2.52 4.36
C GLU A 4 -5.79 1.83 3.55
N LYS A 5 -4.97 2.66 2.90
CA LYS A 5 -3.88 2.21 2.01
C LYS A 5 -2.95 1.21 2.68
N ARG A 6 -2.78 1.33 3.98
CA ARG A 6 -1.88 0.47 4.73
C ARG A 6 -2.34 -0.97 4.64
N LYS A 7 -3.55 -1.21 5.12
CA LYS A 7 -4.13 -2.51 5.18
C LYS A 7 -4.44 -3.01 3.79
N GLU A 8 -5.10 -2.16 3.03
CA GLU A 8 -5.56 -2.50 1.71
C GLU A 8 -4.39 -2.85 0.78
N CYS A 9 -3.31 -2.12 0.89
CA CYS A 9 -2.17 -2.40 0.05
C CYS A 9 -1.27 -3.46 0.62
N GLU A 10 -1.37 -3.74 1.91
CA GLU A 10 -0.68 -4.87 2.48
C GLU A 10 -1.34 -6.16 1.94
N LYS A 11 -2.64 -6.09 1.75
CA LYS A 11 -3.39 -7.19 1.18
C LYS A 11 -3.17 -7.28 -0.33
N LYS A 12 -3.28 -6.15 -1.01
CA LYS A 12 -3.19 -6.12 -2.46
C LYS A 12 -1.76 -6.37 -2.99
N TYR A 13 -0.78 -5.77 -2.35
CA TYR A 13 0.59 -5.94 -2.77
C TYR A 13 1.33 -6.80 -1.79
N THR A 14 2.02 -7.79 -2.28
CA THR A 14 2.75 -8.68 -1.42
C THR A 14 4.22 -8.20 -1.37
N ASP A 15 4.62 -7.48 -2.39
CA ASP A 15 5.97 -6.96 -2.48
C ASP A 15 6.10 -5.73 -1.60
N PRO A 16 7.11 -5.71 -0.72
CA PRO A 16 7.34 -4.60 0.22
C PRO A 16 7.44 -3.24 -0.47
N LYS A 17 8.15 -3.17 -1.58
CA LYS A 17 8.36 -1.90 -2.23
C LYS A 17 7.16 -1.46 -3.04
N LYS A 18 6.40 -2.43 -3.54
CA LYS A 18 5.14 -2.12 -4.21
C LYS A 18 4.13 -1.62 -3.19
N ARG A 19 4.20 -2.18 -2.01
CA ARG A 19 3.38 -1.76 -0.91
C ARG A 19 3.77 -0.34 -0.50
N GLU A 20 5.09 -0.12 -0.41
CA GLU A 20 5.62 1.21 -0.11
C GLU A 20 5.29 2.21 -1.23
N GLU A 21 5.14 1.71 -2.47
CA GLU A 21 4.73 2.51 -3.59
C GLU A 21 3.33 3.00 -3.34
N CYS A 22 2.44 2.06 -3.02
CA CYS A 22 1.05 2.38 -2.72
C CYS A 22 0.96 3.35 -1.56
N LYS A 23 1.79 3.11 -0.55
CA LYS A 23 1.90 3.94 0.64
C LYS A 23 2.11 5.44 0.27
N ARG A 24 2.83 5.67 -0.82
CA ARG A 24 3.11 7.01 -1.31
C ARG A 24 2.04 7.47 -2.32
N LYS A 25 1.39 6.54 -2.96
CA LYS A 25 0.50 6.83 -4.07
C LYS A 25 -0.94 7.04 -3.60
N ALA A 26 -1.34 6.28 -2.61
CA ALA A 26 -2.66 6.38 -2.08
C ALA A 26 -2.69 7.43 -0.98
#